data_9HCS
#
_entry.id   9HCS
#
_cell.length_a   51.851
_cell.length_b   51.851
_cell.length_c   147.250
_cell.angle_alpha   90.00
_cell.angle_beta   90.00
_cell.angle_gamma   90.00
#
_symmetry.space_group_name_H-M   'P 41 21 2'
#
loop_
_entity.id
_entity.type
_entity.pdbx_description
1 polymer 'Telomeric repeat-binding factor 1'
2 non-polymer "N-ethyl-N'-(5-methyl-1,2-oxazol-3-yl)urea"
3 non-polymer 1,2-ETHANEDIOL
4 non-polymer 'DIMETHYL SULFOXIDE'
5 water water
#
_entity_poly.entity_id   1
_entity_poly.type   'polypeptide(L)'
_entity_poly.pdbx_seq_one_letter_code
;SNAQVQVGAPEEEEEEEEDAGLVAEAEAVAAGWMLDFLCLSLCRAFRDGRSEDFRRTRNSAEAIIHGLSSLTACQLRTIY
ICQFLTRIAAGKTLDAQFENDERITPLESALMIWGSIEKEHDKLHEEIQNLIKIQAIAVCMENGNFKEAEEVFERIFGDP
NSHMPFKSKLLMIISQKDTFHSFFQHFSYNHMMEKIKSYVNYVLSEKSSTFLMKAAAKVVESKR
;
_entity_poly.pdbx_strand_id   A
#
# COMPACT_ATOMS: atom_id res chain seq x y z
N GLU A 16 -23.71 -34.84 7.93
CA GLU A 16 -22.56 -34.57 8.79
C GLU A 16 -21.37 -34.10 7.94
N GLU A 17 -21.16 -34.74 6.78
CA GLU A 17 -20.09 -34.36 5.86
C GLU A 17 -20.50 -33.11 5.08
N GLU A 18 -21.79 -33.04 4.66
CA GLU A 18 -22.34 -31.88 3.97
C GLU A 18 -22.46 -30.68 4.91
N ASP A 19 -22.63 -30.92 6.23
CA ASP A 19 -22.72 -29.85 7.23
C ASP A 19 -21.35 -29.20 7.35
N ALA A 20 -20.28 -30.02 7.39
CA ALA A 20 -18.90 -29.51 7.47
C ALA A 20 -18.59 -28.60 6.27
N GLY A 21 -19.08 -28.97 5.09
CA GLY A 21 -18.93 -28.21 3.85
C GLY A 21 -19.63 -26.87 3.88
N LEU A 22 -20.87 -26.85 4.39
CA LEU A 22 -21.68 -25.64 4.54
C LEU A 22 -21.03 -24.71 5.56
N VAL A 23 -20.47 -25.27 6.66
CA VAL A 23 -19.76 -24.50 7.68
C VAL A 23 -18.53 -23.86 7.08
N ALA A 24 -17.75 -24.62 6.29
CA ALA A 24 -16.56 -24.07 5.64
C ALA A 24 -16.93 -22.96 4.65
N GLU A 25 -18.08 -23.11 3.97
CA GLU A 25 -18.54 -22.06 3.04
C GLU A 25 -18.93 -20.81 3.82
N ALA A 26 -19.58 -20.98 4.98
CA ALA A 26 -19.98 -19.84 5.82
C ALA A 26 -18.74 -19.13 6.38
N GLU A 27 -17.70 -19.91 6.76
CA GLU A 27 -16.43 -19.33 7.24
C GLU A 27 -15.76 -18.52 6.15
N ALA A 28 -15.81 -18.96 4.87
CA ALA A 28 -15.23 -18.19 3.78
C ALA A 28 -15.97 -16.85 3.54
N VAL A 29 -17.33 -16.86 3.65
CA VAL A 29 -18.15 -15.64 3.48
C VAL A 29 -17.77 -14.60 4.56
N ALA A 30 -17.63 -15.07 5.80
CA ALA A 30 -17.30 -14.20 6.94
C ALA A 30 -15.87 -13.68 6.83
N ALA A 31 -14.93 -14.52 6.36
CA ALA A 31 -13.55 -14.09 6.16
C ALA A 31 -13.45 -12.99 5.10
N GLY A 32 -14.30 -13.09 4.07
CA GLY A 32 -14.40 -12.08 3.02
C GLY A 32 -14.93 -10.75 3.56
N TRP A 33 -15.94 -10.80 4.45
CA TRP A 33 -16.47 -9.58 5.06
C TRP A 33 -15.44 -8.95 6.03
N MET A 34 -14.64 -9.80 6.69
CA MET A 34 -13.61 -9.35 7.62
C MET A 34 -12.46 -8.68 6.86
N LEU A 35 -12.12 -9.19 5.67
CA LEU A 35 -11.05 -8.63 4.84
C LEU A 35 -11.39 -7.21 4.38
N ASP A 36 -12.64 -6.98 3.93
CA ASP A 36 -13.08 -5.66 3.48
C ASP A 36 -13.09 -4.68 4.64
N PHE A 37 -13.57 -5.12 5.82
CA PHE A 37 -13.63 -4.25 6.99
C PHE A 37 -12.19 -3.86 7.42
N LEU A 38 -11.27 -4.82 7.46
CA LEU A 38 -9.88 -4.54 7.87
C LEU A 38 -9.17 -3.63 6.87
N CYS A 39 -9.47 -3.76 5.57
CA CYS A 39 -8.90 -2.89 4.52
C CYS A 39 -9.39 -1.45 4.79
N LEU A 40 -10.68 -1.27 5.03
CA LEU A 40 -11.27 0.02 5.35
C LEU A 40 -10.65 0.66 6.62
N SER A 41 -10.41 -0.13 7.66
CA SER A 41 -9.78 0.38 8.89
CA SER A 41 -9.79 0.36 8.90
C SER A 41 -8.31 0.73 8.65
N LEU A 42 -7.62 -0.05 7.80
CA LEU A 42 -6.22 0.17 7.44
C LEU A 42 -6.10 1.49 6.65
N CYS A 43 -6.98 1.70 5.65
CA CYS A 43 -7.05 2.91 4.83
C CYS A 43 -7.26 4.12 5.72
N ARG A 44 -8.22 4.01 6.64
CA ARG A 44 -8.55 5.09 7.55
C ARG A 44 -7.36 5.48 8.46
N ALA A 45 -6.65 4.48 9.04
CA ALA A 45 -5.50 4.73 9.91
C ALA A 45 -4.34 5.36 9.11
N PHE A 46 -4.13 4.90 7.88
CA PHE A 46 -3.10 5.48 7.01
C PHE A 46 -3.44 6.93 6.70
N ARG A 47 -4.71 7.22 6.37
CA ARG A 47 -5.15 8.59 6.05
C ARG A 47 -4.97 9.50 7.28
N ASP A 48 -5.33 9.01 8.47
CA ASP A 48 -5.23 9.79 9.69
C ASP A 48 -3.82 9.87 10.30
N GLY A 49 -2.91 9.02 9.84
CA GLY A 49 -1.57 8.96 10.43
C GLY A 49 -1.59 8.35 11.82
N ARG A 50 -2.54 7.43 12.10
CA ARG A 50 -2.61 6.74 13.39
C ARG A 50 -1.72 5.52 13.22
N SER A 51 -0.40 5.70 13.42
CA SER A 51 0.63 4.68 13.23
CA SER A 51 0.61 4.67 13.20
C SER A 51 0.41 3.34 13.96
N GLU A 52 0.03 3.40 15.24
CA GLU A 52 -0.14 2.18 16.03
C GLU A 52 -1.37 1.39 15.61
N ASP A 53 -2.47 2.10 15.30
CA ASP A 53 -3.68 1.47 14.80
C ASP A 53 -3.38 0.83 13.44
N PHE A 54 -2.56 1.49 12.59
CA PHE A 54 -2.17 0.91 11.30
C PHE A 54 -1.40 -0.39 11.53
N ARG A 55 -0.44 -0.41 12.46
CA ARG A 55 0.36 -1.64 12.70
C ARG A 55 -0.55 -2.80 13.15
N ARG A 56 -1.44 -2.56 14.11
CA ARG A 56 -2.30 -3.65 14.66
C ARG A 56 -3.31 -4.12 13.60
N THR A 57 -3.86 -3.20 12.82
CA THR A 57 -4.82 -3.55 11.74
C THR A 57 -4.11 -4.35 10.64
N ARG A 58 -2.85 -4.01 10.37
N ARG A 58 -2.85 -4.01 10.36
CA ARG A 58 -2.07 -4.74 9.34
CA ARG A 58 -2.07 -4.74 9.34
C ARG A 58 -1.84 -6.18 9.80
C ARG A 58 -1.84 -6.18 9.80
N ASN A 59 -1.60 -6.36 11.11
CA ASN A 59 -1.38 -7.72 11.67
C ASN A 59 -2.68 -8.53 11.55
N SER A 60 -3.81 -7.90 11.83
CA SER A 60 -5.13 -8.58 11.74
C SER A 60 -5.43 -8.94 10.27
N ALA A 61 -5.11 -8.05 9.34
CA ALA A 61 -5.36 -8.28 7.90
C ALA A 61 -4.51 -9.44 7.34
N GLU A 62 -3.23 -9.50 7.77
N GLU A 62 -3.24 -9.49 7.76
CA GLU A 62 -2.32 -10.57 7.30
CA GLU A 62 -2.32 -10.57 7.30
C GLU A 62 -2.82 -11.94 7.78
C GLU A 62 -2.83 -11.94 7.77
N ALA A 63 -3.32 -12.00 9.01
CA ALA A 63 -3.83 -13.28 9.57
C ALA A 63 -5.10 -13.74 8.84
N ILE A 64 -6.07 -12.83 8.61
CA ILE A 64 -7.34 -13.17 7.90
C ILE A 64 -7.02 -13.64 6.48
N ILE A 65 -6.01 -13.03 5.85
CA ILE A 65 -5.62 -13.38 4.45
C ILE A 65 -5.09 -14.82 4.42
N HIS A 66 -4.32 -15.22 5.44
CA HIS A 66 -3.76 -16.60 5.51
C HIS A 66 -4.89 -17.63 5.70
N GLY A 67 -6.05 -17.19 6.19
CA GLY A 67 -7.21 -18.09 6.37
C GLY A 67 -8.11 -18.12 5.15
N LEU A 68 -7.75 -17.38 4.10
CA LEU A 68 -8.57 -17.32 2.87
C LEU A 68 -7.88 -18.11 1.76
N SER A 69 -8.62 -18.93 1.02
CA SER A 69 -8.04 -19.70 -0.11
C SER A 69 -8.43 -19.05 -1.43
N SER A 70 -9.52 -19.51 -2.05
CA SER A 70 -9.96 -18.99 -3.36
C SER A 70 -10.29 -17.50 -3.25
N LEU A 71 -9.72 -16.68 -4.12
CA LEU A 71 -9.93 -15.21 -4.03
C LEU A 71 -10.64 -14.68 -5.28
N THR A 72 -11.61 -13.79 -5.09
CA THR A 72 -12.26 -13.12 -6.25
C THR A 72 -11.33 -12.02 -6.74
N ALA A 73 -11.56 -11.49 -7.94
CA ALA A 73 -10.75 -10.37 -8.46
C ALA A 73 -10.86 -9.19 -7.51
N CYS A 74 -12.06 -8.93 -6.97
CA CYS A 74 -12.24 -7.84 -5.98
CA CYS A 74 -12.24 -7.84 -5.98
C CYS A 74 -11.41 -8.03 -4.68
N GLN A 75 -11.44 -9.26 -4.17
CA GLN A 75 -10.69 -9.58 -2.93
C GLN A 75 -9.18 -9.47 -3.18
N LEU A 76 -8.72 -9.82 -4.38
CA LEU A 76 -7.28 -9.71 -4.73
C LEU A 76 -6.87 -8.23 -4.78
N ARG A 77 -7.72 -7.37 -5.35
CA ARG A 77 -7.46 -5.92 -5.39
C ARG A 77 -7.46 -5.36 -3.97
N THR A 78 -8.37 -5.84 -3.11
CA THR A 78 -8.42 -5.39 -1.71
C THR A 78 -7.09 -5.74 -1.02
N ILE A 79 -6.58 -6.96 -1.25
CA ILE A 79 -5.30 -7.39 -0.62
C ILE A 79 -4.17 -6.52 -1.17
N TYR A 80 -4.14 -6.31 -2.48
CA TYR A 80 -3.11 -5.46 -3.12
C TYR A 80 -3.07 -4.09 -2.44
N ILE A 81 -4.26 -3.49 -2.24
CA ILE A 81 -4.33 -2.19 -1.59
C ILE A 81 -3.70 -2.26 -0.20
N CYS A 82 -4.03 -3.29 0.59
CA CYS A 82 -3.45 -3.49 1.94
C CYS A 82 -1.92 -3.65 1.85
N GLN A 83 -1.44 -4.46 0.91
CA GLN A 83 -0.01 -4.67 0.73
C GLN A 83 0.67 -3.36 0.28
N PHE A 84 0.03 -2.62 -0.61
CA PHE A 84 0.55 -1.34 -1.10
C PHE A 84 0.73 -0.35 0.02
N LEU A 85 -0.30 -0.14 0.87
CA LEU A 85 -0.15 0.80 2.00
C LEU A 85 0.92 0.33 3.01
N THR A 86 1.05 -0.99 3.20
CA THR A 86 2.04 -1.57 4.12
C THR A 86 3.45 -1.21 3.65
N ARG A 87 3.71 -1.33 2.34
CA ARG A 87 5.02 -1.00 1.79
C ARG A 87 5.31 0.49 1.80
N ILE A 88 4.28 1.33 1.54
CA ILE A 88 4.44 2.78 1.57
C ILE A 88 4.75 3.22 3.00
N ALA A 89 4.04 2.67 3.99
CA ALA A 89 4.31 2.99 5.41
C ALA A 89 5.75 2.62 5.82
N ALA A 90 6.31 1.54 5.24
CA ALA A 90 7.69 1.11 5.50
C ALA A 90 8.70 1.60 4.45
N GLY A 91 8.35 2.59 3.65
CA GLY A 91 9.23 3.09 2.60
C GLY A 91 10.59 3.61 3.03
N LYS A 92 10.71 4.08 4.28
CA LYS A 92 12.00 4.56 4.81
C LYS A 92 12.79 3.47 5.60
N THR A 93 12.19 2.28 5.78
CA THR A 93 12.79 1.17 6.50
C THR A 93 13.51 0.31 5.47
N LEU A 94 14.75 0.67 5.09
CA LEU A 94 15.48 -0.07 4.07
C LEU A 94 15.84 -1.52 4.48
N ASP A 95 15.80 -1.83 5.78
CA ASP A 95 16.04 -3.18 6.33
C ASP A 95 14.85 -4.13 6.10
N ALA A 96 13.65 -3.61 5.78
CA ALA A 96 12.48 -4.47 5.56
C ALA A 96 12.52 -5.18 4.19
N GLN A 97 12.40 -6.50 4.21
CA GLN A 97 12.45 -7.32 3.00
C GLN A 97 11.02 -7.80 2.66
N PHE A 98 10.39 -7.15 1.68
CA PHE A 98 9.04 -7.51 1.25
C PHE A 98 8.99 -8.51 0.09
N GLU A 99 10.14 -8.82 -0.53
CA GLU A 99 10.16 -9.75 -1.66
C GLU A 99 11.13 -10.89 -1.41
N ASN A 100 10.97 -12.04 -2.12
CA ASN A 100 11.91 -13.16 -2.00
C ASN A 100 13.31 -12.70 -2.43
N ASP A 101 13.39 -11.82 -3.45
CA ASP A 101 14.66 -11.23 -3.87
C ASP A 101 14.90 -10.12 -2.85
N GLU A 102 15.90 -10.33 -1.98
CA GLU A 102 16.25 -9.42 -0.90
C GLU A 102 16.75 -8.05 -1.34
N ARG A 103 17.09 -7.86 -2.64
CA ARG A 103 17.57 -6.55 -3.11
C ARG A 103 16.44 -5.53 -3.32
N ILE A 104 15.18 -5.98 -3.42
CA ILE A 104 14.06 -5.07 -3.69
C ILE A 104 13.64 -4.28 -2.46
N THR A 105 13.80 -2.95 -2.53
CA THR A 105 13.42 -2.07 -1.45
C THR A 105 11.90 -1.91 -1.32
N PRO A 106 11.41 -1.47 -0.13
CA PRO A 106 9.96 -1.33 0.05
C PRO A 106 9.22 -0.46 -0.98
N LEU A 107 9.80 0.68 -1.39
CA LEU A 107 9.14 1.52 -2.41
C LEU A 107 9.11 0.83 -3.79
N GLU A 108 10.13 0.02 -4.11
CA GLU A 108 10.15 -0.75 -5.37
C GLU A 108 9.04 -1.82 -5.31
N SER A 109 8.88 -2.47 -4.14
CA SER A 109 7.81 -3.45 -3.96
C SER A 109 6.43 -2.75 -4.09
N ALA A 110 6.25 -1.53 -3.51
CA ALA A 110 5.01 -0.75 -3.65
C ALA A 110 4.73 -0.39 -5.10
N LEU A 111 5.79 -0.03 -5.86
CA LEU A 111 5.68 0.30 -7.29
C LEU A 111 5.21 -0.92 -8.10
N MET A 112 5.71 -2.13 -7.77
CA MET A 112 5.33 -3.38 -8.44
C MET A 112 3.84 -3.66 -8.23
N ILE A 113 3.35 -3.48 -7.01
CA ILE A 113 1.93 -3.67 -6.71
C ILE A 113 1.08 -2.59 -7.37
N TRP A 114 1.54 -1.32 -7.35
CA TRP A 114 0.79 -0.22 -7.98
C TRP A 114 0.51 -0.48 -9.48
N GLY A 115 1.46 -1.11 -10.17
CA GLY A 115 1.30 -1.46 -11.58
C GLY A 115 0.56 -2.77 -11.83
N SER A 116 0.11 -3.46 -10.78
CA SER A 116 -0.62 -4.73 -10.89
C SER A 116 -2.09 -4.60 -10.55
N ILE A 117 -2.47 -3.60 -9.73
CA ILE A 117 -3.87 -3.38 -9.36
C ILE A 117 -4.74 -3.14 -10.59
N GLU A 118 -5.88 -3.85 -10.67
CA GLU A 118 -6.85 -3.68 -11.74
C GLU A 118 -7.59 -2.37 -11.43
N LYS A 119 -7.01 -1.24 -11.87
CA LYS A 119 -7.55 0.09 -11.60
C LYS A 119 -7.32 1.02 -12.80
N GLU A 120 -8.05 2.15 -12.82
CA GLU A 120 -7.96 3.15 -13.87
C GLU A 120 -6.56 3.81 -13.88
N HIS A 121 -5.94 3.94 -15.04
CA HIS A 121 -4.66 4.63 -15.14
C HIS A 121 -4.93 6.10 -15.49
N ASP A 122 -5.50 6.81 -14.52
CA ASP A 122 -5.77 8.23 -14.66
C ASP A 122 -4.52 9.08 -14.29
N LYS A 123 -4.61 10.42 -14.37
CA LYS A 123 -3.49 11.32 -14.07
C LYS A 123 -2.92 11.08 -12.65
N LEU A 124 -3.79 10.90 -11.64
CA LEU A 124 -3.37 10.65 -10.26
C LEU A 124 -2.57 9.36 -10.17
N HIS A 125 -2.97 8.33 -10.91
CA HIS A 125 -2.24 7.05 -10.93
C HIS A 125 -0.80 7.24 -11.35
N GLU A 126 -0.56 7.94 -12.48
CA GLU A 126 0.81 8.14 -12.99
C GLU A 126 1.62 9.09 -12.11
N GLU A 127 0.95 10.09 -11.49
CA GLU A 127 1.65 11.01 -10.60
C GLU A 127 2.14 10.25 -9.36
N ILE A 128 1.32 9.34 -8.83
CA ILE A 128 1.72 8.55 -7.66
C ILE A 128 2.91 7.64 -8.04
N GLN A 129 2.78 6.96 -9.21
CA GLN A 129 3.82 6.10 -9.76
C GLN A 129 5.18 6.85 -9.86
N ASN A 130 5.18 8.04 -10.46
CA ASN A 130 6.39 8.82 -10.65
C ASN A 130 6.96 9.36 -9.33
N LEU A 131 6.11 9.70 -8.38
CA LEU A 131 6.57 10.15 -7.05
C LEU A 131 7.21 8.98 -6.29
N ILE A 132 6.68 7.75 -6.44
CA ILE A 132 7.27 6.58 -5.80
C ILE A 132 8.66 6.31 -6.39
N LYS A 133 8.83 6.45 -7.72
CA LYS A 133 10.12 6.22 -8.38
C LYS A 133 11.19 7.18 -7.88
N ILE A 134 10.87 8.47 -7.80
CA ILE A 134 11.79 9.49 -7.33
C ILE A 134 12.18 9.21 -5.86
N GLN A 135 11.19 8.87 -5.02
CA GLN A 135 11.46 8.60 -3.62
C GLN A 135 12.19 7.29 -3.37
N ALA A 136 12.03 6.28 -4.23
CA ALA A 136 12.76 5.02 -4.08
C ALA A 136 14.27 5.25 -4.13
N ILE A 137 14.71 6.19 -4.97
CA ILE A 137 16.09 6.60 -5.10
C ILE A 137 16.47 7.54 -3.95
N ALA A 138 15.63 8.57 -3.69
CA ALA A 138 15.86 9.56 -2.65
C ALA A 138 16.11 8.96 -1.26
N VAL A 139 15.33 7.94 -0.86
CA VAL A 139 15.53 7.34 0.46
C VAL A 139 16.91 6.66 0.55
N CYS A 140 17.43 6.12 -0.58
CA CYS A 140 18.75 5.50 -0.60
C CYS A 140 19.84 6.56 -0.43
N MET A 141 19.69 7.69 -1.11
CA MET A 141 20.65 8.80 -1.04
CA MET A 141 20.66 8.77 -1.02
C MET A 141 20.73 9.39 0.38
N GLU A 142 19.58 9.62 1.02
CA GLU A 142 19.52 10.18 2.37
C GLU A 142 20.16 9.28 3.44
N ASN A 143 20.19 7.97 3.21
CA ASN A 143 20.85 7.03 4.11
C ASN A 143 22.35 6.81 3.76
N GLY A 144 22.88 7.55 2.80
CA GLY A 144 24.26 7.38 2.37
C GLY A 144 24.50 6.15 1.50
N ASN A 145 23.42 5.48 1.03
CA ASN A 145 23.53 4.30 0.18
C ASN A 145 23.54 4.71 -1.29
N PHE A 146 24.65 5.32 -1.75
CA PHE A 146 24.78 5.82 -3.12
C PHE A 146 24.84 4.74 -4.20
N LYS A 147 25.51 3.62 -3.93
CA LYS A 147 25.59 2.54 -4.90
C LYS A 147 24.24 1.83 -5.01
N GLU A 148 23.51 1.70 -3.87
CA GLU A 148 22.18 1.13 -3.88
C GLU A 148 21.20 2.03 -4.67
N ALA A 149 21.37 3.37 -4.57
CA ALA A 149 20.53 4.31 -5.31
C ALA A 149 20.66 4.08 -6.82
N GLU A 150 21.88 3.85 -7.30
CA GLU A 150 22.11 3.60 -8.75
C GLU A 150 21.46 2.26 -9.15
N GLU A 151 21.50 1.27 -8.27
CA GLU A 151 20.94 -0.07 -8.57
C GLU A 151 19.41 0.02 -8.63
N VAL A 152 18.80 0.76 -7.71
CA VAL A 152 17.31 0.96 -7.73
C VAL A 152 16.97 1.69 -9.03
N PHE A 153 17.77 2.68 -9.40
CA PHE A 153 17.55 3.44 -10.66
C PHE A 153 17.53 2.49 -11.86
N GLU A 154 18.50 1.58 -11.94
CA GLU A 154 18.60 0.64 -13.09
C GLU A 154 17.39 -0.31 -13.10
N ARG A 155 16.95 -0.75 -11.92
CA ARG A 155 15.76 -1.65 -11.83
C ARG A 155 14.49 -0.89 -12.24
N ILE A 156 14.37 0.38 -11.85
CA ILE A 156 13.13 1.16 -12.12
C ILE A 156 13.05 1.55 -13.59
N PHE A 157 14.13 2.12 -14.14
CA PHE A 157 14.09 2.63 -15.53
C PHE A 157 14.46 1.52 -16.52
N GLY A 158 14.05 0.28 -16.21
CA GLY A 158 14.31 -0.86 -17.11
C GLY A 158 13.33 -1.99 -16.88
N MET A 164 13.41 10.06 -20.27
CA MET A 164 14.83 10.43 -20.53
C MET A 164 15.20 11.67 -19.70
N PRO A 165 14.51 12.82 -19.82
CA PRO A 165 14.91 14.03 -19.11
C PRO A 165 14.83 13.78 -17.59
N PHE A 166 13.71 13.22 -17.12
CA PHE A 166 13.57 12.89 -15.68
C PHE A 166 14.66 11.89 -15.31
N LYS A 167 14.82 10.87 -16.14
CA LYS A 167 15.83 9.82 -15.89
C LYS A 167 17.23 10.45 -15.83
N SER A 168 17.51 11.41 -16.72
CA SER A 168 18.85 12.03 -16.80
C SER A 168 19.19 12.84 -15.53
N LYS A 169 18.24 13.65 -15.06
CA LYS A 169 18.47 14.47 -13.82
C LYS A 169 18.76 13.55 -12.63
N LEU A 170 18.00 12.45 -12.51
CA LEU A 170 18.15 11.53 -11.36
C LEU A 170 19.54 10.92 -11.38
N LEU A 171 19.99 10.45 -12.55
CA LEU A 171 21.32 9.82 -12.67
C LEU A 171 22.39 10.86 -12.31
N MET A 172 22.20 12.10 -12.74
CA MET A 172 23.14 13.19 -12.40
C MET A 172 23.17 13.40 -10.88
N ILE A 173 22.01 13.42 -10.22
CA ILE A 173 21.94 13.61 -8.75
C ILE A 173 22.64 12.45 -8.04
N ILE A 174 22.43 11.22 -8.51
CA ILE A 174 23.07 10.03 -7.88
C ILE A 174 24.60 10.14 -8.01
N SER A 175 25.09 10.46 -9.22
CA SER A 175 26.53 10.56 -9.45
C SER A 175 27.18 11.70 -8.67
N GLN A 176 26.43 12.75 -8.37
CA GLN A 176 26.94 13.87 -7.58
C GLN A 176 26.79 13.66 -6.06
N LYS A 177 26.21 12.53 -5.62
CA LYS A 177 25.95 12.22 -4.21
C LYS A 177 25.19 13.36 -3.52
N ASP A 178 24.35 14.09 -4.29
CA ASP A 178 23.58 15.22 -3.79
C ASP A 178 22.35 14.70 -3.04
N THR A 179 22.58 14.21 -1.82
CA THR A 179 21.51 13.66 -0.97
C THR A 179 20.36 14.66 -0.76
N PHE A 180 20.67 15.87 -0.29
CA PHE A 180 19.66 16.90 -0.05
C PHE A 180 19.48 17.81 -1.26
N HIS A 181 19.33 17.23 -2.45
CA HIS A 181 19.12 18.01 -3.67
C HIS A 181 17.75 18.69 -3.63
N SER A 182 17.63 19.86 -4.26
CA SER A 182 16.37 20.59 -4.29
C SER A 182 15.27 19.86 -5.07
N PHE A 183 15.63 19.03 -6.06
CA PHE A 183 14.65 18.26 -6.84
C PHE A 183 13.83 17.33 -5.93
N PHE A 184 14.47 16.78 -4.89
CA PHE A 184 13.81 15.90 -3.93
C PHE A 184 12.87 16.66 -2.97
N GLN A 185 12.98 18.00 -2.90
CA GLN A 185 12.09 18.85 -2.10
C GLN A 185 10.82 19.21 -2.90
N HIS A 186 10.94 19.35 -4.23
CA HIS A 186 9.82 19.63 -5.11
C HIS A 186 8.96 18.38 -5.26
N PHE A 187 9.59 17.20 -5.40
CA PHE A 187 8.84 15.95 -5.52
C PHE A 187 9.18 15.12 -4.28
N SER A 188 8.77 15.63 -3.12
CA SER A 188 9.11 15.13 -1.80
C SER A 188 8.35 13.88 -1.32
N TYR A 189 8.83 13.27 -0.22
CA TYR A 189 8.19 12.14 0.42
C TYR A 189 6.79 12.55 0.91
N ASN A 190 6.69 13.78 1.47
CA ASN A 190 5.44 14.36 1.94
C ASN A 190 4.42 14.47 0.81
N HIS A 191 4.87 14.92 -0.38
CA HIS A 191 4.06 15.05 -1.59
C HIS A 191 3.56 13.72 -2.09
N MET A 192 4.40 12.67 -1.99
CA MET A 192 4.01 11.32 -2.37
C MET A 192 2.90 10.84 -1.42
N MET A 193 3.11 10.97 -0.09
CA MET A 193 2.12 10.62 0.94
C MET A 193 0.78 11.36 0.75
N GLU A 194 0.83 12.66 0.49
CA GLU A 194 -0.40 13.45 0.25
C GLU A 194 -1.19 12.97 -0.97
N LYS A 195 -0.51 12.69 -2.09
CA LYS A 195 -1.16 12.18 -3.30
C LYS A 195 -1.73 10.79 -3.02
N ILE A 196 -0.99 9.95 -2.30
CA ILE A 196 -1.48 8.61 -1.96
C ILE A 196 -2.73 8.71 -1.05
N LYS A 197 -2.75 9.67 -0.11
CA LYS A 197 -3.94 9.89 0.76
C LYS A 197 -5.16 10.31 -0.03
N SER A 198 -4.98 11.05 -1.13
CA SER A 198 -6.12 11.43 -2.00
C SER A 198 -6.74 10.16 -2.61
N TYR A 199 -5.90 9.20 -3.04
CA TYR A 199 -6.39 7.94 -3.61
C TYR A 199 -7.07 7.10 -2.51
N VAL A 200 -6.48 7.10 -1.29
CA VAL A 200 -7.02 6.39 -0.14
C VAL A 200 -8.42 6.90 0.21
N ASN A 201 -8.67 8.21 0.03
CA ASN A 201 -10.00 8.78 0.26
C ASN A 201 -11.04 8.18 -0.67
N TYR A 202 -10.65 7.88 -1.91
CA TYR A 202 -11.57 7.28 -2.88
C TYR A 202 -11.87 5.83 -2.49
N VAL A 203 -10.83 5.08 -2.00
CA VAL A 203 -11.01 3.71 -1.57
C VAL A 203 -11.93 3.70 -0.32
N LEU A 204 -11.75 4.67 0.60
CA LEU A 204 -12.59 4.81 1.80
C LEU A 204 -14.07 5.01 1.45
N SER A 205 -14.38 5.84 0.44
N SER A 205 -14.37 5.83 0.44
CA SER A 205 -15.78 6.08 0.08
CA SER A 205 -15.76 6.08 0.06
C SER A 205 -16.41 4.85 -0.59
C SER A 205 -16.39 4.82 -0.55
N GLU A 206 -15.62 4.08 -1.35
CA GLU A 206 -16.06 2.86 -2.00
C GLU A 206 -16.28 1.69 -1.00
N LYS A 207 -15.44 1.59 0.04
CA LYS A 207 -15.56 0.47 0.98
C LYS A 207 -16.37 0.79 2.26
N SER A 208 -16.79 2.05 2.44
CA SER A 208 -17.62 2.40 3.61
C SER A 208 -18.98 1.69 3.61
N SER A 209 -19.46 1.29 2.43
CA SER A 209 -20.74 0.60 2.29
CA SER A 209 -20.75 0.59 2.34
C SER A 209 -20.63 -0.93 2.40
N THR A 210 -19.44 -1.49 2.75
CA THR A 210 -19.31 -2.95 2.84
C THR A 210 -20.10 -3.49 4.05
N PHE A 211 -20.51 -4.77 4.00
CA PHE A 211 -21.38 -5.42 4.97
C PHE A 211 -21.07 -5.13 6.46
N LEU A 212 -19.87 -5.50 6.96
CA LEU A 212 -19.52 -5.32 8.36
C LEU A 212 -19.59 -3.86 8.83
N MET A 213 -19.04 -2.92 8.04
CA MET A 213 -19.05 -1.51 8.44
C MET A 213 -20.46 -0.94 8.45
N LYS A 214 -21.27 -1.21 7.42
CA LYS A 214 -22.67 -0.76 7.37
C LYS A 214 -23.46 -1.24 8.60
N ALA A 215 -23.40 -2.54 8.89
CA ALA A 215 -24.08 -3.14 10.03
C ALA A 215 -23.58 -2.57 11.38
N ALA A 216 -22.26 -2.36 11.51
CA ALA A 216 -21.69 -1.81 12.76
C ALA A 216 -22.10 -0.35 12.94
N ALA A 217 -22.11 0.42 11.83
CA ALA A 217 -22.51 1.83 11.85
C ALA A 217 -23.96 1.98 12.23
N LYS A 218 -24.83 1.06 11.76
CA LYS A 218 -26.25 1.10 12.08
C LYS A 218 -26.50 0.83 13.59
N VAL A 219 -25.72 -0.08 14.21
CA VAL A 219 -25.87 -0.35 15.65
C VAL A 219 -25.48 0.90 16.47
N VAL A 220 -24.37 1.56 16.08
CA VAL A 220 -23.90 2.77 16.73
C VAL A 220 -24.95 3.88 16.61
N GLU A 221 -25.43 4.11 15.39
CA GLU A 221 -26.46 5.12 15.14
C GLU A 221 -27.73 4.84 15.93
N SER A 222 -28.20 3.58 15.97
CA SER A 222 -29.40 3.22 16.75
C SER A 222 -29.26 3.45 18.26
N LYS A 223 -28.02 3.52 18.78
CA LYS A 223 -27.78 3.81 20.19
C LYS A 223 -27.71 5.32 20.49
N ARG A 224 -27.75 6.18 19.47
CA ARG A 224 -27.67 7.64 19.64
C ARG A 224 -29.06 8.28 19.84
#